data_4KBY
#
_entry.id   4KBY
#
_cell.length_a   79.058
_cell.length_b   79.058
_cell.length_c   49.693
_cell.angle_alpha   90.00
_cell.angle_beta   90.00
_cell.angle_gamma   120.00
#
_symmetry.space_group_name_H-M   'P 31'
#
loop_
_entity.id
_entity.type
_entity.pdbx_description
1 polymer 'Stimulator of interferon genes protein'
2 non-polymer "9,9'-[(2R,3R,3aS,5S,7aR,9R,10R,10aS,12S,14aR)-3,5,10,12-tetrahydroxy-5,12-dioxidooctahydro-2H,7H-difuro[3,2-d:3',2'-j][1,3,7,9,2,8]tetraoxadiphosphacyclododecine-2,9-diyl]bis(2-amino-1,9-dihydro-6H-purin-6-one)"
3 water water
#
_entity_poly.entity_id   1
_entity_poly.type   'polypeptide(L)'
_entity_poly.pdbx_seq_one_letter_code
;LTPAEVSAVCEEKKLNVAHGLAWSYYIGYLRLILPGLQARIRMFNQLHNNMLSGAGSRRLYILFPLDCGVPDNLSVVDPN
IRFRDMLPQQNIDRAGIKNRVYSNSVYEILENGQPAGVCILEYATPLQTLFAMSQDAKAGFSREDRLEQAKLFCRTLEEI
LEDVPESRNNCRLIVYQEPTDGNSFSLSQEVLRHIRQEEKEEVTMNA
;
_entity_poly.pdbx_strand_id   A,B
#
loop_
_chem_comp.id
_chem_comp.type
_chem_comp.name
_chem_comp.formula
C2E non-polymer 9,9'-[(2R,3R,3aS,5S,7aR,9R,10R,10aS,12S,14aR)-3,5,10,12-tetrahydroxy-5,12-dioxidooctahydro-2H,7H-difuro[3,2-d:3',2'-j][1,3,7,9,2,8]tetraoxadiphosphacyclododecine-2,9-diyl]bis(2-amino-1,9-dihydro-6H-purin-6-one) 'C20 H24 N10 O14 P2'
#
# COMPACT_ATOMS: atom_id res chain seq x y z
N ASN A 16 11.42 17.78 -1.97
CA ASN A 16 10.59 17.21 -3.03
C ASN A 16 10.55 15.68 -3.03
N VAL A 17 9.80 15.13 -2.09
CA VAL A 17 9.60 13.69 -1.97
C VAL A 17 8.17 13.39 -2.38
N ALA A 18 7.39 14.46 -2.56
CA ALA A 18 6.01 14.36 -2.99
C ALA A 18 6.01 13.82 -4.41
N HIS A 19 7.06 14.17 -5.15
CA HIS A 19 7.30 13.63 -6.48
C HIS A 19 7.38 12.11 -6.43
N GLY A 20 8.30 11.61 -5.62
CA GLY A 20 8.53 10.19 -5.46
C GLY A 20 7.31 9.45 -4.99
N LEU A 21 6.66 10.00 -3.96
CA LEU A 21 5.42 9.46 -3.44
C LEU A 21 4.35 9.31 -4.51
N ALA A 22 4.20 10.34 -5.33
CA ALA A 22 3.15 10.30 -6.35
C ALA A 22 3.45 9.27 -7.44
N TRP A 23 4.68 9.29 -7.95
CA TRP A 23 5.08 8.31 -8.95
C TRP A 23 4.94 6.88 -8.44
N SER A 24 5.31 6.64 -7.19
CA SER A 24 5.22 5.31 -6.61
C SER A 24 3.77 4.86 -6.43
N TYR A 25 2.94 5.76 -5.93
CA TYR A 25 1.52 5.51 -5.80
C TYR A 25 0.84 5.31 -7.16
N TYR A 26 1.33 5.98 -8.20
CA TYR A 26 0.77 5.71 -9.51
C TYR A 26 1.23 4.34 -10.01
N ILE A 27 2.54 4.20 -10.16
CA ILE A 27 3.17 3.07 -10.82
C ILE A 27 2.83 1.77 -10.11
N GLY A 28 2.82 1.83 -8.78
CA GLY A 28 2.71 0.64 -7.96
C GLY A 28 1.29 0.24 -7.58
N TYR A 29 0.32 1.11 -7.87
CA TYR A 29 -1.06 0.85 -7.46
C TYR A 29 -2.07 1.31 -8.49
N LEU A 30 -2.21 2.62 -8.66
CA LEU A 30 -3.23 3.18 -9.55
C LEU A 30 -3.12 2.65 -10.97
N ARG A 31 -1.90 2.59 -11.49
CA ARG A 31 -1.65 2.02 -12.80
C ARG A 31 -2.27 0.64 -12.91
N LEU A 32 -2.22 -0.12 -11.83
CA LEU A 32 -2.69 -1.51 -11.87
C LEU A 32 -4.21 -1.70 -11.76
N ILE A 33 -4.85 -0.96 -10.87
CA ILE A 33 -6.30 -1.11 -10.60
C ILE A 33 -7.24 -0.38 -11.54
N LEU A 34 -6.85 0.82 -11.97
CA LEU A 34 -7.73 1.63 -12.83
C LEU A 34 -8.17 0.95 -14.12
N PRO A 35 -7.25 0.30 -14.85
CA PRO A 35 -7.66 -0.36 -16.10
C PRO A 35 -8.81 -1.34 -15.94
N GLY A 36 -8.76 -2.20 -14.93
CA GLY A 36 -9.81 -3.19 -14.72
C GLY A 36 -10.86 -2.85 -13.68
N LEU A 37 -11.09 -1.56 -13.42
CA LEU A 37 -12.10 -1.16 -12.46
C LEU A 37 -13.55 -1.41 -12.95
N GLN A 38 -13.84 -1.08 -14.19
CA GLN A 38 -15.21 -1.24 -14.70
C GLN A 38 -15.69 -2.69 -14.63
N ALA A 39 -14.77 -3.62 -14.84
CA ALA A 39 -15.12 -5.03 -14.83
C ALA A 39 -15.44 -5.51 -13.40
N ARG A 40 -14.66 -5.05 -12.43
CA ARG A 40 -14.93 -5.38 -11.04
C ARG A 40 -16.22 -4.71 -10.56
N ILE A 41 -16.45 -3.50 -11.05
CA ILE A 41 -17.67 -2.79 -10.74
C ILE A 41 -18.87 -3.52 -11.31
N ARG A 42 -18.70 -4.07 -12.51
CA ARG A 42 -19.73 -4.86 -13.16
C ARG A 42 -20.10 -6.04 -12.27
N MET A 43 -19.08 -6.78 -11.82
CA MET A 43 -19.25 -7.95 -10.96
C MET A 43 -19.90 -7.59 -9.63
N PHE A 44 -19.54 -6.43 -9.10
CA PHE A 44 -20.14 -5.97 -7.87
C PHE A 44 -21.64 -5.74 -8.08
N ASN A 45 -21.98 -5.08 -9.18
CA ASN A 45 -23.38 -4.73 -9.43
C ASN A 45 -24.23 -5.90 -9.90
N GLN A 46 -23.59 -6.94 -10.41
CA GLN A 46 -24.29 -8.21 -10.64
C GLN A 46 -24.57 -8.85 -9.29
N LEU A 47 -23.57 -8.84 -8.41
CA LEU A 47 -23.70 -9.48 -7.11
C LEU A 47 -24.71 -8.75 -6.23
N HIS A 48 -24.66 -7.43 -6.22
CA HIS A 48 -25.42 -6.68 -5.26
C HIS A 48 -26.57 -5.89 -5.87
N ASN A 49 -27.17 -6.46 -6.90
CA ASN A 49 -28.39 -5.90 -7.50
C ASN A 49 -28.28 -4.40 -7.79
N ASN A 50 -27.18 -4.03 -8.44
CA ASN A 50 -26.95 -2.66 -8.87
C ASN A 50 -26.93 -1.63 -7.73
N MET A 51 -26.27 -1.95 -6.62
CA MET A 51 -26.16 -1.02 -5.50
C MET A 51 -25.26 0.18 -5.82
N LEU A 52 -24.22 -0.05 -6.61
CA LEU A 52 -23.34 1.04 -6.97
C LEU A 52 -24.02 1.77 -8.12
N SER A 53 -24.55 2.95 -7.81
CA SER A 53 -25.53 3.59 -8.66
C SER A 53 -25.66 5.09 -8.36
N GLY A 54 -26.14 5.82 -9.35
CA GLY A 54 -26.08 7.27 -9.33
C GLY A 54 -25.03 7.65 -10.36
N ALA A 55 -25.28 8.70 -11.15
CA ALA A 55 -24.32 9.12 -12.16
C ALA A 55 -23.00 9.52 -11.51
N GLY A 56 -21.89 9.15 -12.13
CA GLY A 56 -20.60 9.42 -11.56
C GLY A 56 -20.25 8.54 -10.36
N SER A 57 -21.06 7.52 -10.08
CA SER A 57 -20.76 6.63 -8.96
C SER A 57 -19.91 5.44 -9.39
N ARG A 58 -19.81 5.19 -10.71
CA ARG A 58 -18.92 4.13 -11.17
C ARG A 58 -17.52 4.66 -11.39
N ARG A 59 -16.88 5.09 -10.31
CA ARG A 59 -15.53 5.65 -10.34
C ARG A 59 -14.91 5.49 -8.99
N LEU A 60 -13.60 5.39 -8.96
CA LEU A 60 -12.88 5.38 -7.71
C LEU A 60 -12.66 6.81 -7.24
N TYR A 61 -13.34 7.18 -6.17
CA TYR A 61 -13.10 8.48 -5.53
C TYR A 61 -11.94 8.39 -4.56
N ILE A 62 -10.84 9.05 -4.92
CA ILE A 62 -9.66 9.08 -4.09
C ILE A 62 -9.68 10.34 -3.22
N LEU A 63 -9.81 10.16 -1.91
CA LEU A 63 -9.83 11.28 -0.98
C LEU A 63 -8.43 11.84 -0.78
N PHE A 64 -8.33 13.15 -0.87
CA PHE A 64 -7.05 13.83 -0.73
C PHE A 64 -7.09 14.89 0.34
N PRO A 65 -6.99 14.49 1.62
CA PRO A 65 -6.94 15.56 2.62
C PRO A 65 -5.56 16.20 2.66
N LEU A 66 -5.49 17.48 2.33
CA LEU A 66 -4.21 18.18 2.29
C LEU A 66 -3.59 18.29 3.69
N ASP A 67 -4.45 18.19 4.70
CA ASP A 67 -4.02 18.13 6.10
C ASP A 67 -3.33 16.80 6.40
N CYS A 68 -3.51 15.84 5.47
CA CYS A 68 -2.94 14.49 5.53
C CYS A 68 -3.62 13.62 6.58
N GLY A 69 -4.81 14.03 7.04
CA GLY A 69 -5.52 13.28 8.06
C GLY A 69 -6.11 11.94 7.62
N VAL A 70 -5.31 11.11 6.96
CA VAL A 70 -5.69 9.71 6.73
C VAL A 70 -5.66 8.96 8.07
N PRO A 71 -6.74 8.25 8.44
CA PRO A 71 -6.75 7.43 9.67
C PRO A 71 -5.70 6.33 9.64
N ASP A 72 -5.15 6.02 10.81
CA ASP A 72 -4.20 4.92 11.00
C ASP A 72 -4.59 3.63 10.27
N ASN A 73 -5.88 3.29 10.31
CA ASN A 73 -6.37 2.10 9.63
C ASN A 73 -6.51 2.29 8.11
N LEU A 74 -6.39 3.53 7.63
CA LEU A 74 -6.51 3.89 6.20
C LEU A 74 -7.92 3.82 5.64
N SER A 75 -8.88 3.51 6.48
CA SER A 75 -10.25 3.38 5.99
C SER A 75 -10.99 4.68 6.26
N VAL A 76 -12.12 4.87 5.59
CA VAL A 76 -12.96 6.02 5.90
C VAL A 76 -13.69 5.79 7.24
N VAL A 77 -13.57 6.76 8.13
CA VAL A 77 -14.26 6.70 9.41
C VAL A 77 -15.00 8.00 9.59
N ASP A 78 -16.31 7.96 9.40
CA ASP A 78 -17.13 9.15 9.40
C ASP A 78 -18.56 8.69 9.68
N PRO A 79 -19.24 9.38 10.61
CA PRO A 79 -20.59 9.00 11.01
C PRO A 79 -21.62 9.17 9.87
N ASN A 80 -21.30 9.94 8.83
CA ASN A 80 -22.20 10.06 7.68
C ASN A 80 -21.76 9.23 6.48
N ILE A 81 -20.85 8.29 6.73
CA ILE A 81 -20.33 7.42 5.68
C ILE A 81 -20.30 5.99 6.22
N ARG A 82 -21.14 5.13 5.66
CA ARG A 82 -21.24 3.77 6.17
C ARG A 82 -20.79 2.75 5.15
N PHE A 83 -19.83 1.92 5.57
CA PHE A 83 -19.33 0.82 4.76
C PHE A 83 -20.43 -0.16 4.36
N ARG A 84 -20.40 -0.63 3.11
CA ARG A 84 -21.39 -1.60 2.67
C ARG A 84 -20.78 -2.97 2.39
N ASP A 85 -19.82 -2.99 1.48
CA ASP A 85 -19.19 -4.21 1.03
C ASP A 85 -17.92 -3.84 0.28
N MET A 86 -17.24 -4.85 -0.26
CA MET A 86 -16.01 -4.60 -1.02
C MET A 86 -16.25 -4.91 -2.49
N LEU A 87 -15.41 -4.33 -3.35
CA LEU A 87 -15.32 -4.78 -4.72
C LEU A 87 -14.68 -6.16 -4.72
N PRO A 88 -15.19 -7.04 -5.58
CA PRO A 88 -14.59 -8.38 -5.74
C PRO A 88 -13.25 -8.26 -6.45
N GLN A 89 -12.53 -9.37 -6.61
CA GLN A 89 -11.30 -9.39 -7.40
C GLN A 89 -11.62 -9.77 -8.85
N ASN A 99 -2.68 -10.39 -11.21
CA ASN A 99 -2.90 -11.49 -10.27
C ASN A 99 -2.54 -11.23 -8.80
N ARG A 100 -3.18 -10.22 -8.20
CA ARG A 100 -3.16 -10.05 -6.76
C ARG A 100 -4.42 -9.35 -6.30
N VAL A 101 -4.52 -9.02 -5.03
CA VAL A 101 -5.81 -8.58 -4.53
C VAL A 101 -5.86 -7.14 -4.07
N TYR A 102 -7.04 -6.56 -4.24
CA TYR A 102 -7.27 -5.15 -4.06
C TYR A 102 -8.41 -4.93 -3.08
N SER A 103 -8.28 -3.88 -2.28
CA SER A 103 -9.13 -3.66 -1.13
C SER A 103 -9.90 -2.36 -1.30
N ASN A 104 -10.89 -2.39 -2.18
CA ASN A 104 -11.66 -1.20 -2.50
C ASN A 104 -13.06 -1.25 -1.87
N SER A 105 -13.39 -0.21 -1.11
CA SER A 105 -14.60 -0.20 -0.29
C SER A 105 -15.77 0.63 -0.87
N VAL A 106 -16.96 0.09 -0.72
CA VAL A 106 -18.15 0.77 -1.17
C VAL A 106 -18.96 1.20 0.04
N TYR A 107 -19.25 2.50 0.12
CA TYR A 107 -19.96 3.09 1.22
C TYR A 107 -21.25 3.70 0.73
N GLU A 108 -22.24 3.78 1.61
CA GLU A 108 -23.38 4.65 1.40
C GLU A 108 -23.15 5.97 2.13
N ILE A 109 -23.60 7.05 1.52
CA ILE A 109 -23.39 8.38 2.09
C ILE A 109 -24.70 8.85 2.68
N LEU A 110 -24.65 9.41 3.90
CA LEU A 110 -25.87 9.89 4.55
C LEU A 110 -26.03 11.38 4.41
N GLU A 111 -27.28 11.82 4.31
CA GLU A 111 -27.63 13.22 4.32
C GLU A 111 -28.92 13.40 5.13
N ASN A 112 -28.83 14.17 6.20
CA ASN A 112 -29.94 14.32 7.14
C ASN A 112 -30.51 12.98 7.52
N GLY A 113 -29.65 12.07 7.97
CA GLY A 113 -30.06 10.75 8.43
C GLY A 113 -30.72 9.86 7.40
N GLN A 114 -30.37 10.06 6.13
CA GLN A 114 -30.94 9.26 5.04
C GLN A 114 -29.86 8.92 4.02
N PRO A 115 -29.90 7.70 3.48
CA PRO A 115 -28.93 7.31 2.45
C PRO A 115 -29.11 8.15 1.19
N ALA A 116 -28.07 8.90 0.83
CA ALA A 116 -28.16 9.92 -0.21
C ALA A 116 -27.38 9.52 -1.47
N GLY A 117 -26.46 8.56 -1.33
CA GLY A 117 -25.67 8.12 -2.44
C GLY A 117 -24.86 6.90 -2.07
N VAL A 118 -24.25 6.31 -3.08
CA VAL A 118 -23.35 5.19 -2.88
C VAL A 118 -22.15 5.36 -3.79
N CYS A 119 -20.97 5.11 -3.25
CA CYS A 119 -19.74 5.25 -4.01
C CYS A 119 -18.55 4.49 -3.42
N ILE A 120 -17.50 4.40 -4.22
CA ILE A 120 -16.26 3.75 -3.86
C ILE A 120 -15.35 4.86 -3.46
N LEU A 121 -14.98 4.88 -2.19
CA LEU A 121 -14.06 5.87 -1.66
C LEU A 121 -12.83 5.19 -1.07
N GLU A 122 -11.66 5.80 -1.27
CA GLU A 122 -10.48 5.46 -0.51
C GLU A 122 -9.52 6.66 -0.43
N TYR A 123 -8.81 6.73 0.68
CA TYR A 123 -7.79 7.75 0.88
C TYR A 123 -6.60 7.45 0.00
N ALA A 124 -6.02 8.51 -0.56
CA ALA A 124 -4.68 8.43 -1.13
C ALA A 124 -3.75 8.27 0.07
N THR A 125 -3.48 7.02 0.40
CA THR A 125 -2.78 6.67 1.63
C THR A 125 -1.31 7.17 1.82
N PRO A 126 -0.58 7.50 0.73
CA PRO A 126 0.78 7.95 1.07
C PRO A 126 0.80 9.27 1.82
N LEU A 127 -0.32 9.98 1.87
CA LEU A 127 -0.41 11.19 2.67
C LEU A 127 -0.10 10.89 4.13
N GLN A 128 -0.34 9.65 4.55
CA GLN A 128 -0.02 9.26 5.91
C GLN A 128 1.47 9.45 6.17
N THR A 129 2.30 9.12 5.17
CA THR A 129 3.76 9.26 5.28
C THR A 129 4.14 10.72 5.55
N LEU A 130 3.38 11.64 4.97
CA LEU A 130 3.66 13.05 5.19
C LEU A 130 3.33 13.47 6.61
N PHE A 131 2.22 12.98 7.16
CA PHE A 131 1.92 13.30 8.54
C PHE A 131 3.01 12.76 9.42
N ALA A 132 3.40 11.50 9.19
CA ALA A 132 4.50 10.89 9.96
C ALA A 132 5.78 11.73 9.97
N MET A 133 6.13 12.31 8.83
CA MET A 133 7.36 13.10 8.72
C MET A 133 7.28 14.38 9.55
N SER A 134 6.05 14.86 9.74
CA SER A 134 5.81 16.08 10.49
C SER A 134 5.86 15.84 12.00
N GLN A 135 5.93 14.58 12.41
CA GLN A 135 5.97 14.28 13.84
C GLN A 135 7.40 13.96 14.29
N ASP A 136 8.31 13.80 13.33
CA ASP A 136 9.67 13.34 13.60
C ASP A 136 10.50 14.29 14.45
N ALA A 137 10.81 13.85 15.68
CA ALA A 137 11.81 14.47 16.54
C ALA A 137 11.71 15.99 16.63
N LYS A 138 12.59 16.67 15.90
CA LYS A 138 12.55 18.11 15.78
C LYS A 138 12.82 18.47 14.32
N ALA A 139 13.67 17.68 13.69
CA ALA A 139 14.06 17.89 12.29
C ALA A 139 12.84 17.83 11.39
N GLY A 140 12.29 16.63 11.23
CA GLY A 140 11.06 16.45 10.47
C GLY A 140 9.96 17.28 11.09
N PHE A 141 9.70 18.44 10.50
CA PHE A 141 8.84 19.44 11.13
C PHE A 141 7.98 20.23 10.12
N SER A 142 7.38 21.30 10.64
CA SER A 142 6.46 22.18 9.94
C SER A 142 5.21 21.51 9.38
N ARG A 143 4.07 21.89 9.94
CA ARG A 143 2.78 21.61 9.34
C ARG A 143 2.71 22.26 7.96
N GLU A 144 3.33 23.44 7.84
CA GLU A 144 3.36 24.19 6.58
C GLU A 144 4.11 23.42 5.49
N ASP A 145 5.28 22.89 5.82
CA ASP A 145 6.03 22.06 4.88
C ASP A 145 5.28 20.81 4.45
N ARG A 146 4.40 20.30 5.31
CA ARG A 146 3.64 19.09 5.01
C ARG A 146 2.53 19.45 4.03
N LEU A 147 1.81 20.51 4.34
CA LEU A 147 0.74 21.04 3.51
C LEU A 147 1.21 21.26 2.07
N GLU A 148 2.34 21.96 1.94
CA GLU A 148 2.94 22.26 0.66
C GLU A 148 3.27 20.99 -0.10
N GLN A 149 3.92 20.04 0.57
CA GLN A 149 4.23 18.73 -0.01
C GLN A 149 2.97 17.97 -0.44
N ALA A 150 1.88 18.13 0.31
CA ALA A 150 0.67 17.41 -0.02
C ALA A 150 0.07 17.95 -1.31
N LYS A 151 0.05 19.28 -1.44
CA LYS A 151 -0.39 19.94 -2.67
C LYS A 151 0.45 19.45 -3.84
N LEU A 152 1.77 19.52 -3.66
CA LEU A 152 2.73 19.03 -4.63
C LEU A 152 2.46 17.57 -5.02
N PHE A 153 2.25 16.72 -4.01
CA PHE A 153 1.86 15.33 -4.25
C PHE A 153 0.63 15.30 -5.15
N CYS A 154 -0.38 16.07 -4.77
CA CYS A 154 -1.66 16.11 -5.48
C CYS A 154 -1.52 16.52 -6.96
N ARG A 155 -1.01 17.71 -7.21
CA ARG A 155 -0.84 18.19 -8.58
C ARG A 155 0.04 17.28 -9.42
N THR A 156 1.11 16.75 -8.84
CA THR A 156 1.96 15.78 -9.51
C THR A 156 1.16 14.55 -9.96
N LEU A 157 0.39 13.98 -9.05
CA LEU A 157 -0.52 12.90 -9.39
C LEU A 157 -1.48 13.27 -10.53
N GLU A 158 -2.14 14.42 -10.39
CA GLU A 158 -3.02 14.95 -11.44
C GLU A 158 -2.30 15.05 -12.78
N GLU A 159 -1.03 15.44 -12.74
CA GLU A 159 -0.25 15.60 -13.96
C GLU A 159 0.06 14.26 -14.58
N ILE A 160 0.37 13.30 -13.73
CA ILE A 160 0.54 11.91 -14.16
C ILE A 160 -0.73 11.36 -14.82
N LEU A 161 -1.88 11.55 -14.17
CA LEU A 161 -3.11 10.95 -14.63
C LEU A 161 -3.54 11.52 -15.98
N GLU A 162 -3.09 12.74 -16.25
CA GLU A 162 -3.49 13.45 -17.45
C GLU A 162 -3.07 12.71 -18.71
N ASP A 163 -2.01 11.92 -18.58
CA ASP A 163 -1.45 11.22 -19.73
C ASP A 163 -2.04 9.83 -19.94
N VAL A 164 -2.80 9.34 -18.97
CA VAL A 164 -3.50 8.07 -19.12
C VAL A 164 -5.02 8.27 -19.06
N PRO A 165 -5.58 8.96 -20.07
CA PRO A 165 -6.92 9.55 -19.94
C PRO A 165 -8.03 8.53 -19.75
N GLU A 166 -7.90 7.38 -20.41
CA GLU A 166 -8.94 6.35 -20.32
C GLU A 166 -9.05 5.87 -18.89
N SER A 167 -7.90 5.58 -18.28
CA SER A 167 -7.91 5.15 -16.88
C SER A 167 -8.20 6.33 -15.93
N ARG A 168 -7.80 7.54 -16.29
CA ARG A 168 -8.13 8.70 -15.47
C ARG A 168 -9.65 8.90 -15.38
N ASN A 169 -10.39 8.48 -16.40
CA ASN A 169 -11.84 8.52 -16.34
C ASN A 169 -12.46 7.57 -15.29
N ASN A 170 -11.66 6.61 -14.82
CA ASN A 170 -12.11 5.64 -13.83
C ASN A 170 -11.96 6.10 -12.39
N CYS A 171 -11.36 7.27 -12.19
CA CYS A 171 -11.21 7.80 -10.84
C CYS A 171 -11.43 9.30 -10.78
N ARG A 172 -11.71 9.80 -9.59
CA ARG A 172 -11.79 11.24 -9.38
C ARG A 172 -11.12 11.60 -8.07
N LEU A 173 -10.34 12.68 -8.08
CA LEU A 173 -9.63 13.13 -6.91
C LEU A 173 -10.48 14.15 -6.17
N ILE A 174 -10.72 13.89 -4.90
CA ILE A 174 -11.48 14.82 -4.09
C ILE A 174 -10.49 15.51 -3.19
N VAL A 175 -10.22 16.77 -3.49
CA VAL A 175 -9.18 17.52 -2.81
C VAL A 175 -9.83 18.53 -1.90
N TYR A 176 -9.37 18.56 -0.66
CA TYR A 176 -9.92 19.46 0.34
C TYR A 176 -8.93 19.55 1.45
N GLN A 177 -9.21 20.43 2.39
CA GLN A 177 -8.45 20.46 3.62
C GLN A 177 -9.40 20.52 4.81
N GLU A 178 -9.39 19.44 5.58
CA GLU A 178 -10.14 19.37 6.82
C GLU A 178 -9.50 20.28 7.86
N PRO A 179 -10.26 21.25 8.38
CA PRO A 179 -9.71 22.04 9.48
C PRO A 179 -9.49 21.16 10.72
N THR A 180 -8.52 21.55 11.56
CA THR A 180 -8.24 20.86 12.82
C THR A 180 -9.19 21.22 13.99
N ASP A 181 -10.01 22.23 13.84
CA ASP A 181 -11.12 22.45 14.80
C ASP A 181 -12.37 23.02 14.11
N GLY A 182 -13.40 23.35 14.89
CA GLY A 182 -14.65 23.83 14.32
C GLY A 182 -15.47 22.73 13.66
N ASN A 183 -16.74 23.01 13.37
CA ASN A 183 -17.64 21.96 12.87
C ASN A 183 -18.20 22.17 11.45
N SER A 184 -17.56 23.05 10.70
CA SER A 184 -18.06 23.46 9.38
C SER A 184 -17.88 22.39 8.31
N PHE A 185 -16.67 21.86 8.21
CA PHE A 185 -16.34 20.80 7.27
C PHE A 185 -17.12 19.49 7.39
N SER A 186 -17.68 19.02 6.30
CA SER A 186 -18.31 17.70 6.28
C SER A 186 -17.76 16.88 5.13
N LEU A 187 -17.04 15.80 5.45
CA LEU A 187 -16.50 14.91 4.44
C LEU A 187 -17.60 14.34 3.54
N SER A 188 -18.75 13.99 4.12
CA SER A 188 -19.83 13.39 3.32
C SER A 188 -20.46 14.42 2.40
N GLN A 189 -20.62 15.64 2.89
CA GLN A 189 -21.12 16.72 2.03
C GLN A 189 -20.13 16.97 0.89
N GLU A 190 -18.85 16.90 1.23
CA GLU A 190 -17.78 17.15 0.28
C GLU A 190 -17.87 16.18 -0.88
N VAL A 191 -18.14 14.92 -0.53
CA VAL A 191 -18.27 13.87 -1.53
C VAL A 191 -19.53 14.06 -2.36
N LEU A 192 -20.67 14.24 -1.69
CA LEU A 192 -21.93 14.48 -2.38
C LEU A 192 -21.80 15.68 -3.32
N ARG A 193 -21.14 16.74 -2.87
CA ARG A 193 -20.86 17.89 -3.71
C ARG A 193 -20.12 17.48 -4.98
N HIS A 194 -19.03 16.75 -4.81
CA HIS A 194 -18.24 16.30 -5.94
C HIS A 194 -19.03 15.44 -6.92
N ILE A 195 -19.93 14.61 -6.40
CA ILE A 195 -20.69 13.69 -7.24
C ILE A 195 -21.77 14.43 -8.03
N ARG A 196 -22.41 15.38 -7.36
CA ARG A 196 -23.51 16.16 -7.93
C ARG A 196 -23.09 17.22 -8.96
N GLN A 197 -21.79 17.36 -9.17
CA GLN A 197 -21.25 18.32 -10.15
C GLN A 197 -20.34 17.56 -11.08
N GLU A 198 -20.81 16.40 -11.52
CA GLU A 198 -20.06 15.54 -12.44
C GLU A 198 -19.98 16.21 -13.80
N GLU A 199 -19.20 17.28 -13.88
CA GLU A 199 -19.11 18.08 -15.10
C GLU A 199 -17.66 18.50 -15.37
N ASN B 16 15.25 12.99 6.53
CA ASN B 16 14.67 11.80 7.16
C ASN B 16 13.23 11.51 6.73
N VAL B 17 13.08 11.05 5.49
CA VAL B 17 11.79 10.60 5.02
C VAL B 17 11.66 9.11 5.30
N ALA B 18 12.78 8.50 5.67
CA ALA B 18 12.84 7.08 5.98
C ALA B 18 12.05 6.83 7.24
N HIS B 19 12.15 7.77 8.18
CA HIS B 19 11.41 7.69 9.44
C HIS B 19 9.92 7.69 9.19
N GLY B 20 9.46 8.66 8.41
CA GLY B 20 8.06 8.76 8.05
C GLY B 20 7.55 7.53 7.30
N LEU B 21 8.34 7.09 6.33
CA LEU B 21 7.98 5.92 5.54
C LEU B 21 7.83 4.68 6.42
N ALA B 22 8.74 4.53 7.38
CA ALA B 22 8.72 3.35 8.23
C ALA B 22 7.52 3.33 9.17
N TRP B 23 7.32 4.41 9.94
CA TRP B 23 6.15 4.52 10.79
C TRP B 23 4.86 4.32 10.01
N SER B 24 4.83 4.82 8.78
CA SER B 24 3.66 4.65 7.93
C SER B 24 3.47 3.19 7.51
N TYR B 25 4.54 2.58 7.04
CA TYR B 25 4.55 1.16 6.73
C TYR B 25 4.13 0.30 7.93
N TYR B 26 4.54 0.67 9.13
CA TYR B 26 4.13 -0.09 10.29
C TYR B 26 2.65 0.15 10.62
N ILE B 27 2.32 1.38 10.97
CA ILE B 27 0.98 1.77 11.46
C ILE B 27 -0.15 1.42 10.48
N GLY B 28 0.12 1.58 9.19
CA GLY B 28 -0.92 1.47 8.19
C GLY B 28 -0.96 0.13 7.52
N TYR B 29 0.00 -0.74 7.86
CA TYR B 29 0.08 -2.05 7.22
C TYR B 29 0.46 -3.17 8.21
N LEU B 30 1.73 -3.23 8.59
CA LEU B 30 2.24 -4.36 9.40
C LEU B 30 1.49 -4.57 10.70
N ARG B 31 1.20 -3.48 11.40
CA ARG B 31 0.46 -3.51 12.66
C ARG B 31 -0.87 -4.22 12.47
N LEU B 32 -1.45 -4.12 11.29
CA LEU B 32 -2.76 -4.70 11.02
C LEU B 32 -2.75 -6.18 10.61
N ILE B 33 -1.73 -6.63 9.90
CA ILE B 33 -1.72 -8.00 9.40
C ILE B 33 -0.95 -8.99 10.27
N LEU B 34 0.09 -8.51 10.94
CA LEU B 34 0.90 -9.39 11.77
C LEU B 34 0.14 -10.14 12.88
N PRO B 35 -0.84 -9.47 13.52
CA PRO B 35 -1.50 -10.21 14.59
C PRO B 35 -2.43 -11.30 14.05
N GLY B 36 -2.85 -11.20 12.79
CA GLY B 36 -3.78 -12.16 12.24
C GLY B 36 -3.20 -13.15 11.25
N LEU B 37 -1.88 -13.12 11.07
CA LEU B 37 -1.20 -13.96 10.10
C LEU B 37 -1.37 -15.46 10.37
N GLN B 38 -1.16 -15.87 11.61
CA GLN B 38 -1.20 -17.29 11.95
C GLN B 38 -2.56 -17.91 11.65
N ALA B 39 -3.63 -17.14 11.81
CA ALA B 39 -4.98 -17.63 11.54
C ALA B 39 -5.19 -17.81 10.04
N ARG B 40 -4.67 -16.88 9.27
CA ARG B 40 -4.75 -16.99 7.83
C ARG B 40 -3.83 -18.12 7.35
N ILE B 41 -2.74 -18.33 8.06
CA ILE B 41 -1.82 -19.41 7.72
C ILE B 41 -2.49 -20.75 7.96
N ARG B 42 -3.21 -20.84 9.08
CA ARG B 42 -3.96 -22.03 9.40
C ARG B 42 -4.97 -22.29 8.27
N MET B 43 -5.75 -21.27 7.92
CA MET B 43 -6.72 -21.40 6.83
C MET B 43 -6.07 -21.83 5.50
N PHE B 44 -4.92 -21.26 5.20
CA PHE B 44 -4.20 -21.62 3.98
C PHE B 44 -3.85 -23.11 3.96
N ASN B 45 -3.35 -23.62 5.08
CA ASN B 45 -2.85 -25.00 5.17
C ASN B 45 -3.96 -26.04 5.37
N GLN B 46 -5.16 -25.58 5.68
CA GLN B 46 -6.32 -26.47 5.66
C GLN B 46 -6.75 -26.66 4.22
N LEU B 47 -6.68 -25.57 3.47
CA LEU B 47 -7.06 -25.55 2.06
C LEU B 47 -6.06 -26.30 1.21
N HIS B 48 -4.78 -26.01 1.44
CA HIS B 48 -3.73 -26.50 0.56
C HIS B 48 -2.87 -27.59 1.19
N ASN B 49 -3.51 -28.45 1.99
CA ASN B 49 -2.86 -29.66 2.54
C ASN B 49 -1.44 -29.43 3.08
N ASN B 50 -1.28 -28.40 3.91
CA ASN B 50 -0.01 -28.09 4.55
C ASN B 50 1.15 -27.83 3.58
N MET B 51 0.86 -27.11 2.51
CA MET B 51 1.88 -26.68 1.55
C MET B 51 2.90 -25.74 2.20
N LEU B 52 2.39 -24.80 2.99
CA LEU B 52 3.28 -23.87 3.65
C LEU B 52 3.94 -24.63 4.79
N SER B 53 5.19 -25.01 4.57
CA SER B 53 5.82 -26.00 5.42
C SER B 53 7.35 -25.91 5.42
N GLY B 54 7.95 -26.43 6.48
CA GLY B 54 9.36 -26.22 6.74
C GLY B 54 9.45 -25.32 7.96
N ALA B 55 10.39 -25.59 8.85
CA ALA B 55 10.57 -24.75 10.03
C ALA B 55 10.82 -23.31 9.61
N GLY B 56 10.27 -22.36 10.36
CA GLY B 56 10.42 -20.96 10.03
C GLY B 56 9.79 -20.54 8.70
N SER B 57 8.86 -21.35 8.17
CA SER B 57 8.16 -20.98 6.95
C SER B 57 6.81 -20.37 7.27
N ARG B 58 6.36 -20.51 8.50
CA ARG B 58 5.11 -19.90 8.90
C ARG B 58 5.36 -18.48 9.35
N ARG B 59 5.85 -17.64 8.45
CA ARG B 59 6.16 -16.26 8.77
C ARG B 59 6.11 -15.41 7.52
N LEU B 60 5.86 -14.11 7.70
CA LEU B 60 5.97 -13.20 6.59
C LEU B 60 7.41 -12.78 6.37
N TYR B 61 8.03 -13.27 5.30
CA TYR B 61 9.36 -12.78 4.91
C TYR B 61 9.25 -11.50 4.09
N ILE B 62 9.77 -10.40 4.65
CA ILE B 62 9.70 -9.12 3.98
C ILE B 62 11.04 -8.80 3.32
N LEU B 63 11.04 -8.71 1.99
CA LEU B 63 12.27 -8.44 1.26
C LEU B 63 12.62 -6.97 1.35
N PHE B 64 13.87 -6.71 1.73
CA PHE B 64 14.39 -5.37 1.87
C PHE B 64 15.59 -5.15 0.98
N PRO B 65 15.37 -4.92 -0.33
CA PRO B 65 16.54 -4.60 -1.14
C PRO B 65 16.97 -3.15 -0.91
N LEU B 66 18.19 -2.96 -0.42
CA LEU B 66 18.67 -1.64 -0.10
C LEU B 66 18.89 -0.82 -1.38
N ASP B 67 19.11 -1.53 -2.49
CA ASP B 67 19.13 -0.90 -3.81
C ASP B 67 17.77 -0.31 -4.20
N CYS B 68 16.73 -0.79 -3.52
CA CYS B 68 15.32 -0.39 -3.69
C CYS B 68 14.74 -0.99 -4.97
N GLY B 69 15.41 -2.00 -5.49
CA GLY B 69 14.93 -2.69 -6.67
C GLY B 69 13.66 -3.50 -6.49
N VAL B 70 12.62 -2.85 -5.99
CA VAL B 70 11.28 -3.45 -5.98
C VAL B 70 10.65 -3.29 -7.38
N PRO B 71 10.14 -4.38 -7.96
CA PRO B 71 9.59 -4.29 -9.32
C PRO B 71 8.39 -3.37 -9.38
N ASP B 72 8.13 -2.77 -10.54
CA ASP B 72 7.02 -1.85 -10.72
C ASP B 72 5.71 -2.43 -10.23
N ASN B 73 5.51 -3.71 -10.50
CA ASN B 73 4.27 -4.36 -10.11
C ASN B 73 4.24 -4.87 -8.68
N LEU B 74 5.33 -4.64 -7.93
CA LEU B 74 5.46 -4.98 -6.50
C LEU B 74 5.61 -6.45 -6.16
N SER B 75 5.44 -7.32 -7.15
CA SER B 75 5.51 -8.74 -6.89
C SER B 75 6.95 -9.23 -6.95
N VAL B 76 7.22 -10.41 -6.40
CA VAL B 76 8.50 -11.07 -6.63
C VAL B 76 8.53 -11.58 -8.07
N VAL B 77 9.63 -11.29 -8.76
CA VAL B 77 9.83 -11.73 -10.13
C VAL B 77 11.27 -12.25 -10.21
N ASP B 78 11.39 -13.56 -10.08
CA ASP B 78 12.67 -14.24 -10.06
C ASP B 78 12.45 -15.65 -10.63
N PRO B 79 13.29 -16.07 -11.58
CA PRO B 79 13.12 -17.39 -12.20
C PRO B 79 13.24 -18.57 -11.22
N ASN B 80 13.83 -18.37 -10.04
CA ASN B 80 13.89 -19.45 -9.05
C ASN B 80 12.88 -19.28 -7.93
N ILE B 81 11.88 -18.45 -8.17
CA ILE B 81 10.81 -18.20 -7.20
C ILE B 81 9.49 -18.26 -7.95
N ARG B 82 8.68 -19.27 -7.66
CA ARG B 82 7.44 -19.44 -8.39
C ARG B 82 6.24 -19.30 -7.50
N PHE B 83 5.33 -18.43 -7.93
CA PHE B 83 4.09 -18.18 -7.23
C PHE B 83 3.24 -19.44 -7.20
N ARG B 84 2.56 -19.65 -6.08
CA ARG B 84 1.66 -20.80 -5.93
C ARG B 84 0.21 -20.38 -5.71
N ASP B 85 -0.01 -19.52 -4.72
CA ASP B 85 -1.35 -19.18 -4.29
C ASP B 85 -1.31 -18.06 -3.28
N MET B 86 -2.46 -17.44 -3.04
CA MET B 86 -2.54 -16.37 -2.06
C MET B 86 -2.97 -16.91 -0.71
N LEU B 87 -2.54 -16.20 0.33
CA LEU B 87 -3.15 -16.31 1.64
C LEU B 87 -4.59 -15.84 1.54
N PRO B 88 -5.51 -16.54 2.20
CA PRO B 88 -6.92 -16.13 2.26
C PRO B 88 -7.10 -14.95 3.22
N GLN B 89 -8.31 -14.41 3.31
CA GLN B 89 -8.61 -13.29 4.22
C GLN B 89 -9.12 -13.76 5.60
N GLN B 90 -8.74 -13.03 6.65
CA GLN B 90 -9.14 -13.26 8.05
C GLN B 90 -10.62 -13.64 8.26
N ASN B 99 -12.48 -4.30 7.93
CA ASN B 99 -12.16 -5.41 7.04
C ASN B 99 -11.40 -5.00 5.78
N ARG B 100 -10.07 -5.01 5.88
CA ARG B 100 -9.26 -4.77 4.71
C ARG B 100 -9.12 -6.10 3.98
N VAL B 101 -8.58 -6.02 2.78
CA VAL B 101 -8.27 -7.20 2.03
C VAL B 101 -6.76 -7.19 1.90
N TYR B 102 -6.13 -8.32 2.16
CA TYR B 102 -4.67 -8.37 2.14
C TYR B 102 -4.17 -9.30 1.04
N SER B 103 -3.04 -8.91 0.46
CA SER B 103 -2.48 -9.54 -0.71
C SER B 103 -1.10 -10.11 -0.38
N ASN B 104 -1.10 -11.33 0.14
CA ASN B 104 0.11 -12.02 0.58
C ASN B 104 0.30 -13.31 -0.23
N SER B 105 1.42 -13.35 -0.93
CA SER B 105 1.72 -14.41 -1.88
C SER B 105 2.62 -15.53 -1.31
N VAL B 106 2.30 -16.77 -1.67
CA VAL B 106 3.10 -17.89 -1.24
C VAL B 106 3.81 -18.46 -2.45
N TYR B 107 5.12 -18.61 -2.34
CA TYR B 107 5.94 -19.01 -3.47
C TYR B 107 6.71 -20.25 -3.12
N GLU B 108 7.01 -21.06 -4.12
CA GLU B 108 7.99 -22.10 -3.94
C GLU B 108 9.36 -21.60 -4.42
N ILE B 109 10.39 -21.96 -3.67
CA ILE B 109 11.75 -21.60 -3.98
C ILE B 109 12.40 -22.78 -4.66
N LEU B 110 13.12 -22.54 -5.75
CA LEU B 110 13.80 -23.61 -6.46
C LEU B 110 15.29 -23.60 -6.16
N GLU B 111 15.86 -24.80 -6.03
CA GLU B 111 17.31 -24.98 -5.91
C GLU B 111 17.71 -26.04 -6.92
N ASN B 112 18.58 -25.67 -7.86
CA ASN B 112 18.98 -26.56 -8.95
C ASN B 112 17.81 -27.23 -9.65
N GLY B 113 16.81 -26.46 -10.04
CA GLY B 113 15.69 -26.99 -10.81
C GLY B 113 14.69 -27.82 -10.02
N GLN B 114 14.75 -27.74 -8.70
CA GLN B 114 13.87 -28.53 -7.84
C GLN B 114 13.30 -27.68 -6.71
N PRO B 115 12.02 -27.85 -6.39
CA PRO B 115 11.42 -27.09 -5.28
C PRO B 115 12.13 -27.39 -3.96
N ALA B 116 12.57 -26.35 -3.28
CA ALA B 116 13.47 -26.50 -2.14
C ALA B 116 12.83 -26.00 -0.84
N GLY B 117 11.77 -25.22 -0.95
CA GLY B 117 11.10 -24.69 0.21
C GLY B 117 9.86 -23.97 -0.23
N VAL B 118 9.05 -23.56 0.73
CA VAL B 118 7.86 -22.78 0.46
C VAL B 118 7.80 -21.67 1.51
N CYS B 119 7.42 -20.48 1.08
CA CYS B 119 7.38 -19.35 2.00
C CYS B 119 6.50 -18.19 1.52
N ILE B 120 6.12 -17.34 2.47
CA ILE B 120 5.35 -16.15 2.22
C ILE B 120 6.33 -15.01 2.11
N LEU B 121 6.50 -14.49 0.91
CA LEU B 121 7.45 -13.42 0.64
C LEU B 121 6.73 -12.19 0.13
N GLU B 122 7.18 -11.01 0.56
CA GLU B 122 6.81 -9.77 -0.11
C GLU B 122 7.87 -8.69 0.07
N TYR B 123 7.94 -7.79 -0.90
CA TYR B 123 8.80 -6.61 -0.80
C TYR B 123 8.24 -5.60 0.20
N ALA B 124 9.14 -4.97 0.95
CA ALA B 124 8.79 -3.76 1.67
C ALA B 124 8.67 -2.66 0.62
N THR B 125 7.47 -2.53 0.09
CA THR B 125 7.21 -1.66 -1.06
C THR B 125 7.44 -0.13 -0.87
N PRO B 126 7.50 0.39 0.38
CA PRO B 126 7.88 1.80 0.42
C PRO B 126 9.23 2.10 -0.22
N LEU B 127 10.08 1.08 -0.33
CA LEU B 127 11.39 1.23 -0.97
C LEU B 127 11.26 1.73 -2.42
N GLN B 128 10.12 1.46 -3.04
CA GLN B 128 9.88 1.94 -4.40
C GLN B 128 9.86 3.47 -4.42
N THR B 129 9.32 4.07 -3.37
CA THR B 129 9.26 5.52 -3.22
C THR B 129 10.68 6.12 -3.24
N LEU B 130 11.60 5.46 -2.57
CA LEU B 130 12.98 5.93 -2.61
C LEU B 130 13.64 5.84 -3.99
N PHE B 131 13.34 4.80 -4.76
CA PHE B 131 13.87 4.75 -6.11
C PHE B 131 13.37 5.92 -6.94
N ALA B 132 12.06 6.17 -6.87
CA ALA B 132 11.45 7.28 -7.60
C ALA B 132 12.05 8.65 -7.23
N MET B 133 12.36 8.86 -5.95
CA MET B 133 12.98 10.12 -5.52
C MET B 133 14.37 10.32 -6.11
N SER B 134 15.05 9.21 -6.41
CA SER B 134 16.39 9.26 -6.96
C SER B 134 16.39 9.51 -8.46
N GLN B 135 15.23 9.37 -9.10
CA GLN B 135 15.15 9.57 -10.55
C GLN B 135 14.69 11.00 -10.89
N ASP B 136 14.16 11.69 -9.88
CA ASP B 136 13.62 13.05 -10.02
C ASP B 136 14.59 14.04 -10.69
N ALA B 137 14.10 14.71 -11.73
CA ALA B 137 14.74 15.87 -12.38
C ALA B 137 16.26 15.96 -12.29
N LYS B 138 16.72 16.70 -11.28
CA LYS B 138 18.13 16.76 -10.94
C LYS B 138 18.26 16.89 -9.43
N ALA B 139 17.32 17.65 -8.85
CA ALA B 139 17.30 17.91 -7.41
C ALA B 139 17.21 16.61 -6.62
N GLY B 140 16.07 15.94 -6.73
CA GLY B 140 15.89 14.62 -6.14
C GLY B 140 16.94 13.68 -6.71
N PHE B 141 18.05 13.53 -6.00
CA PHE B 141 19.23 12.88 -6.56
C PHE B 141 19.89 11.88 -5.59
N SER B 142 20.85 11.13 -6.15
CA SER B 142 21.87 10.37 -5.44
C SER B 142 21.50 8.93 -5.10
N ARG B 143 22.15 8.01 -5.80
CA ARG B 143 22.10 6.59 -5.48
C ARG B 143 22.63 6.39 -4.05
N GLU B 144 23.61 7.21 -3.67
CA GLU B 144 24.18 7.19 -2.32
C GLU B 144 23.20 7.68 -1.25
N ASP B 145 22.47 8.75 -1.53
CA ASP B 145 21.47 9.23 -0.58
C ASP B 145 20.27 8.27 -0.46
N ARG B 146 20.06 7.44 -1.47
CA ARG B 146 18.96 6.48 -1.46
C ARG B 146 19.34 5.25 -0.66
N LEU B 147 20.58 4.81 -0.83
CA LEU B 147 21.12 3.69 -0.06
C LEU B 147 21.02 3.97 1.44
N GLU B 148 21.49 5.14 1.82
CA GLU B 148 21.49 5.59 3.20
C GLU B 148 20.07 5.60 3.77
N GLN B 149 19.16 6.29 3.07
CA GLN B 149 17.76 6.33 3.49
C GLN B 149 17.16 4.93 3.59
N ALA B 150 17.55 4.05 2.67
CA ALA B 150 17.00 2.69 2.68
C ALA B 150 17.40 1.94 3.95
N LYS B 151 18.69 2.00 4.29
CA LYS B 151 19.21 1.40 5.52
C LYS B 151 18.52 2.00 6.75
N LEU B 152 18.36 3.31 6.72
CA LEU B 152 17.69 4.06 7.76
C LEU B 152 16.24 3.59 7.91
N PHE B 153 15.53 3.50 6.78
CA PHE B 153 14.19 2.93 6.75
C PHE B 153 14.21 1.58 7.44
N CYS B 154 15.18 0.75 7.05
CA CYS B 154 15.30 -0.58 7.60
C CYS B 154 15.53 -0.60 9.12
N ARG B 155 16.55 0.12 9.58
CA ARG B 155 16.85 0.12 11.01
C ARG B 155 15.72 0.73 11.86
N THR B 156 15.07 1.77 11.35
CA THR B 156 13.90 2.35 12.01
C THR B 156 12.79 1.31 12.16
N LEU B 157 12.50 0.63 11.06
CA LEU B 157 11.47 -0.38 11.08
C LEU B 157 11.80 -1.47 12.11
N GLU B 158 13.06 -1.90 12.14
CA GLU B 158 13.55 -2.86 13.13
C GLU B 158 13.30 -2.37 14.56
N GLU B 159 13.55 -1.08 14.78
CA GLU B 159 13.37 -0.49 16.09
C GLU B 159 11.91 -0.58 16.49
N ILE B 160 11.02 -0.30 15.54
CA ILE B 160 9.59 -0.39 15.78
C ILE B 160 9.15 -1.82 16.15
N LEU B 161 9.54 -2.79 15.33
CA LEU B 161 9.14 -4.17 15.55
C LEU B 161 9.62 -4.68 16.88
N GLU B 162 10.76 -4.14 17.32
CA GLU B 162 11.39 -4.57 18.56
C GLU B 162 10.44 -4.43 19.74
N ASP B 163 9.56 -3.43 19.64
CA ASP B 163 8.65 -3.13 20.73
C ASP B 163 7.42 -4.04 20.78
N VAL B 164 7.03 -4.57 19.62
CA VAL B 164 5.87 -5.45 19.52
C VAL B 164 6.30 -6.91 19.28
N PRO B 165 6.96 -7.53 20.28
CA PRO B 165 7.74 -8.74 20.03
C PRO B 165 6.88 -9.90 19.54
N GLU B 166 5.65 -9.98 20.01
CA GLU B 166 4.77 -11.05 19.61
C GLU B 166 4.48 -11.01 18.12
N SER B 167 4.06 -9.84 17.62
CA SER B 167 3.77 -9.72 16.21
C SER B 167 5.07 -9.73 15.40
N ARG B 168 6.17 -9.25 15.98
CA ARG B 168 7.46 -9.32 15.30
C ARG B 168 7.86 -10.77 15.04
N ASN B 169 7.49 -11.67 15.95
CA ASN B 169 7.73 -13.10 15.72
C ASN B 169 7.07 -13.65 14.44
N ASN B 170 6.06 -12.93 13.94
CA ASN B 170 5.35 -13.34 12.73
C ASN B 170 6.00 -12.87 11.43
N CYS B 171 7.14 -12.21 11.50
CA CYS B 171 7.79 -11.82 10.26
C CYS B 171 9.30 -11.82 10.39
N ARG B 172 9.98 -11.76 9.25
CA ARG B 172 11.42 -11.65 9.25
C ARG B 172 11.85 -10.74 8.11
N LEU B 173 12.73 -9.81 8.43
CA LEU B 173 13.28 -8.89 7.45
C LEU B 173 14.46 -9.57 6.78
N ILE B 174 14.43 -9.60 5.45
CA ILE B 174 15.52 -10.15 4.67
C ILE B 174 16.19 -8.97 4.00
N VAL B 175 17.35 -8.62 4.53
CA VAL B 175 18.03 -7.39 4.15
C VAL B 175 19.23 -7.72 3.33
N TYR B 176 19.33 -7.13 2.15
CA TYR B 176 20.40 -7.42 1.24
C TYR B 176 20.57 -6.26 0.31
N GLN B 177 21.60 -6.34 -0.52
CA GLN B 177 21.76 -5.36 -1.57
C GLN B 177 22.07 -6.06 -2.89
N GLU B 178 21.08 -6.10 -3.76
CA GLU B 178 21.28 -6.65 -5.10
C GLU B 178 22.20 -5.74 -5.92
N PRO B 179 23.35 -6.28 -6.35
CA PRO B 179 24.23 -5.51 -7.22
C PRO B 179 23.54 -5.24 -8.57
N THR B 180 23.90 -4.13 -9.20
CA THR B 180 23.33 -3.73 -10.48
C THR B 180 23.92 -4.44 -11.72
N ASP B 181 24.96 -5.25 -11.51
CA ASP B 181 25.52 -6.11 -12.57
C ASP B 181 26.13 -7.39 -12.00
N GLY B 182 26.71 -8.23 -12.85
CA GLY B 182 27.26 -9.50 -12.40
C GLY B 182 26.22 -10.49 -11.93
N ASN B 183 26.59 -11.76 -11.81
CA ASN B 183 25.62 -12.82 -11.59
C ASN B 183 25.70 -13.56 -10.25
N SER B 184 26.41 -12.96 -9.28
CA SER B 184 26.69 -13.62 -8.00
C SER B 184 25.46 -13.71 -7.10
N PHE B 185 24.78 -12.58 -6.94
CA PHE B 185 23.54 -12.52 -6.18
C PHE B 185 22.42 -13.44 -6.65
N SER B 186 21.81 -14.15 -5.70
CA SER B 186 20.61 -14.93 -5.97
C SER B 186 19.58 -14.75 -4.86
N LEU B 187 18.47 -14.11 -5.18
CA LEU B 187 17.37 -13.90 -4.24
C LEU B 187 16.87 -15.21 -3.61
N SER B 188 16.72 -16.26 -4.42
CA SER B 188 16.27 -17.55 -3.90
C SER B 188 17.25 -18.13 -2.86
N GLN B 189 18.55 -18.04 -3.16
CA GLN B 189 19.56 -18.52 -2.18
C GLN B 189 19.54 -17.64 -0.93
N GLU B 190 19.31 -16.34 -1.14
CA GLU B 190 19.25 -15.42 -0.04
C GLU B 190 18.15 -15.82 0.93
N VAL B 191 16.97 -16.10 0.39
CA VAL B 191 15.81 -16.56 1.15
C VAL B 191 16.09 -17.88 1.87
N LEU B 192 16.56 -18.89 1.13
CA LEU B 192 16.89 -20.20 1.70
C LEU B 192 17.92 -20.11 2.84
N ARG B 193 18.98 -19.34 2.62
CA ARG B 193 19.96 -19.05 3.67
C ARG B 193 19.26 -18.50 4.92
N HIS B 194 18.35 -17.57 4.74
CA HIS B 194 17.61 -17.00 5.86
C HIS B 194 16.73 -18.02 6.55
N ILE B 195 16.15 -18.94 5.79
CA ILE B 195 15.24 -19.91 6.37
C ILE B 195 16.02 -21.01 7.09
N ARG B 196 17.07 -21.49 6.43
CA ARG B 196 17.93 -22.56 6.95
C ARG B 196 18.73 -22.17 8.19
N GLN B 197 19.00 -20.88 8.35
CA GLN B 197 19.87 -20.41 9.42
C GLN B 197 19.07 -19.54 10.36
N GLU B 198 17.88 -19.99 10.71
CA GLU B 198 16.99 -19.21 11.55
C GLU B 198 17.07 -19.64 13.00
N GLU B 199 17.94 -18.98 13.76
CA GLU B 199 18.09 -19.25 15.18
C GLU B 199 18.27 -17.95 15.97
P1 C2E C . -3.42 -4.21 0.41
O2P C2E C . -4.10 -4.18 1.75
O1P C2E C . -4.31 -5.09 -0.47
O5' C2E C . -3.39 -2.81 -0.28
C5' C2E C . -3.65 -2.66 -1.63
C4' C2E C . -2.69 -2.00 -2.52
O4' C2E C . -1.93 -0.95 -1.96
C3' C2E C . -1.62 -2.89 -2.89
O3' C2E C . -1.97 -4.02 -3.68
C2' C2E C . -0.74 -2.03 -3.59
O2' C2E C . -1.03 -2.06 -4.97
C1' C2E C . -1.02 -0.71 -3.01
N9 C2E C . 0.22 0.11 -2.80
C8 C2E C . 1.47 -0.26 -3.08
N7 C2E C . 2.31 0.74 -2.82
C5 C2E C . 1.60 1.79 -2.37
C6 C2E C . 1.92 3.09 -1.94
O6 C2E C . 3.23 3.52 -1.93
N1 C2E C . 0.94 3.92 -1.54
C2 C2E C . -0.34 3.47 -1.56
N2 C2E C . -1.38 4.36 -1.13
N3 C2E C . -0.69 2.25 -1.96
C4 C2E C . 0.26 1.40 -2.37
P11 C2E C . -0.77 -5.01 -3.94
O21 C2E C . -0.23 -4.93 -5.32
O11 C2E C . -1.37 -6.40 -3.85
O5A C2E C . 0.36 -4.94 -2.79
C5A C2E C . 0.32 -5.77 -1.64
C4A C2E C . 0.27 -5.19 -0.34
O4A C2E C . 1.41 -4.27 -0.10
C3A C2E C . -0.91 -4.33 -0.16
O3A C2E C . -1.99 -4.93 0.47
C2A C2E C . -0.44 -3.12 0.58
O2A C2E C . -1.18 -2.88 1.70
C1A C2E C . 0.94 -3.49 0.97
N91 C2E C . 1.80 -2.37 1.45
C81 C2E C . 3.13 -2.43 1.49
N71 C2E C . 3.63 -1.29 1.96
C51 C2E C . 2.61 -0.47 2.28
C61 C2E C . 2.53 0.82 2.82
O61 C2E C . 3.65 1.51 3.15
N11 C2E C . 1.31 1.39 3.03
C21 C2E C . 0.20 0.71 2.71
N21 C2E C . -1.09 1.32 2.92
N31 C2E C . 0.26 -0.53 2.19
C41 C2E C . 1.44 -1.15 1.96
#